data_6Y0R
#
_entry.id   6Y0R
#
_cell.length_a   73.686
_cell.length_b   74.247
_cell.length_c   97.157
_cell.angle_alpha   90.000
_cell.angle_beta   90.000
_cell.angle_gamma   90.000
#
_symmetry.space_group_name_H-M   'P 21 21 21'
#
loop_
_entity.id
_entity.type
_entity.pdbx_description
1 polymer 'Chitooligosaccharide oxidase'
2 non-polymer 'FLAVIN-ADENINE DINUCLEOTIDE'
3 water water
#
_entity_poly.entity_id   1
_entity_poly.type   'polypeptide(L)'
_entity_poly.pdbx_seq_one_letter_code
;MHFNTLTCVLVGLVAHTSAVPTKREAVNSCLTQAKVPTDAQGSQSWKEDGTAYNLRLPFEPAAIAVPTTVAQVSAAVECG
AKHGVAISAKSGGHSYTSLGFGGEDGHLMIELDRMYSVKLAKDGTAKIQPGARLGHVATELWNQGKRALAHGTCPGVGLG
GHALHGGYGMVARKHGLTLDLMIGATVVLPTGKVVHCSKTENSDLFWGIRGAGANFGVVVELEFQTFAAPEKITYFDIGL
NWDQNTAPQGLYDFQEFGKGMPAEITMQMGVSKNGYSVDGAYIGDEASLRKALQPLVQKFGGVQVTATTVDWMGLVTHFA
GAGVNVNPTSASYDAHDNFYASSLAAPALTLAEFKSFVNFVSTTGKSSSHSWWLQMDITGGTYSAVSKPKPSDTAYVHRD
TLLLFQFYDSVAATAQYPSDGFNLIKGLRQSISSSLKAGTWGMYANYPDSQIKNDRATEMYWGSNVAKLEAVKAKYDPKN
LFRNPQSIKPKA
;
_entity_poly.pdbx_strand_id   AAA
#
loop_
_chem_comp.id
_chem_comp.type
_chem_comp.name
_chem_comp.formula
FAD non-polymer 'FLAVIN-ADENINE DINUCLEOTIDE' 'C27 H33 N9 O15 P2'
#
# COMPACT_ATOMS: atom_id res chain seq x y z
N GLU A 25 25.56 -22.14 3.67
CA GLU A 25 25.60 -20.66 3.71
C GLU A 25 26.63 -20.23 4.75
N ALA A 26 27.69 -19.54 4.31
CA ALA A 26 28.52 -18.72 5.22
C ALA A 26 27.58 -17.70 5.89
N VAL A 27 26.53 -17.25 5.20
CA VAL A 27 25.64 -16.18 5.75
C VAL A 27 24.87 -16.78 6.94
N ASN A 28 24.39 -18.02 6.85
CA ASN A 28 23.69 -18.67 7.98
C ASN A 28 24.65 -18.83 9.18
N SER A 29 25.87 -19.35 8.98
CA SER A 29 26.84 -19.52 10.08
C SER A 29 27.20 -18.15 10.67
N CYS A 30 27.29 -17.10 9.85
CA CYS A 30 27.51 -15.70 10.30
C CYS A 30 26.38 -15.30 11.25
N LEU A 31 25.13 -15.56 10.86
CA LEU A 31 23.94 -15.17 11.66
C LEU A 31 23.96 -15.91 13.00
N THR A 32 24.11 -17.22 12.98
CA THR A 32 24.15 -18.07 14.22
C THR A 32 25.26 -17.55 15.14
N GLN A 33 26.46 -17.33 14.60
CA GLN A 33 27.62 -16.85 15.39
C GLN A 33 27.35 -15.43 15.93
N ALA A 34 26.53 -14.62 15.24
CA ALA A 34 26.18 -13.26 15.72
C ALA A 34 24.98 -13.31 16.68
N LYS A 35 24.48 -14.52 16.99
CA LYS A 35 23.34 -14.77 17.92
C LYS A 35 22.11 -14.08 17.34
N VAL A 36 21.98 -14.14 16.01
CA VAL A 36 20.73 -13.68 15.34
C VAL A 36 19.81 -14.89 15.22
N PRO A 37 18.57 -14.85 15.77
CA PRO A 37 17.67 -15.98 15.58
C PRO A 37 17.41 -16.18 14.09
N THR A 38 17.38 -17.42 13.63
CA THR A 38 17.09 -17.76 12.22
C THR A 38 16.17 -18.98 12.15
N ASP A 39 15.56 -19.18 10.99
CA ASP A 39 14.69 -20.35 10.71
C ASP A 39 15.53 -21.35 9.91
N ALA A 40 15.48 -22.61 10.31
CA ALA A 40 16.24 -23.66 9.59
C ALA A 40 15.54 -23.94 8.28
N GLN A 41 16.30 -24.03 7.19
CA GLN A 41 15.73 -24.28 5.86
C GLN A 41 14.86 -25.54 5.90
N GLY A 42 13.65 -25.44 5.37
CA GLY A 42 12.81 -26.64 5.28
C GLY A 42 12.04 -26.97 6.53
N SER A 43 12.18 -26.20 7.61
CA SER A 43 11.46 -26.49 8.86
C SER A 43 10.05 -25.88 8.85
N GLN A 44 9.28 -26.14 9.89
CA GLN A 44 7.93 -25.55 9.99
C GLN A 44 8.06 -24.05 10.21
N SER A 45 9.12 -23.62 10.88
CA SER A 45 9.40 -22.18 11.19
C SER A 45 9.68 -21.43 9.89
N TRP A 46 10.48 -22.03 9.02
CA TRP A 46 10.75 -21.53 7.65
C TRP A 46 9.44 -21.40 6.85
N LYS A 47 8.57 -22.40 6.88
CA LYS A 47 7.25 -22.36 6.18
C LYS A 47 6.40 -21.23 6.77
N GLU A 48 6.41 -21.07 8.09
CA GLU A 48 5.61 -20.02 8.77
C GLU A 48 6.04 -18.61 8.29
N ASP A 49 7.34 -18.33 8.21
CA ASP A 49 7.86 -16.99 7.83
C ASP A 49 8.10 -16.88 6.32
N GLY A 50 8.22 -18.01 5.62
CA GLY A 50 8.83 -18.06 4.28
C GLY A 50 7.85 -18.44 3.21
N THR A 51 6.53 -18.39 3.49
CA THR A 51 5.48 -18.65 2.50
C THR A 51 4.88 -17.30 2.11
N ALA A 52 5.13 -16.90 0.87
CA ALA A 52 4.68 -15.58 0.36
C ALA A 52 3.17 -15.51 0.43
N TYR A 53 2.66 -14.31 0.71
CA TYR A 53 1.21 -14.05 0.75
C TYR A 53 0.57 -14.48 -0.57
N ASN A 54 1.15 -14.04 -1.68
CA ASN A 54 0.62 -14.36 -3.02
C ASN A 54 1.11 -15.75 -3.45
N LEU A 55 0.20 -16.72 -3.52
CA LEU A 55 0.51 -18.13 -3.91
C LEU A 55 1.01 -18.18 -5.35
N ARG A 56 0.76 -17.15 -6.15
CA ARG A 56 1.31 -17.09 -7.52
C ARG A 56 2.82 -16.87 -7.52
N LEU A 57 3.40 -16.30 -6.45
CA LEU A 57 4.81 -15.83 -6.41
C LEU A 57 5.49 -16.22 -5.10
N PRO A 58 5.68 -17.55 -4.92
CA PRO A 58 6.54 -18.04 -3.85
C PRO A 58 8.03 -17.83 -4.20
N PHE A 59 8.84 -17.61 -3.19
CA PHE A 59 10.31 -17.45 -3.31
C PHE A 59 10.97 -18.14 -2.13
N GLU A 60 12.22 -18.55 -2.37
CA GLU A 60 13.07 -19.29 -1.42
C GLU A 60 14.25 -18.40 -1.07
N PRO A 61 14.23 -17.74 0.11
CA PRO A 61 15.37 -17.01 0.60
C PRO A 61 16.61 -17.92 0.79
N ALA A 62 17.79 -17.31 0.79
CA ALA A 62 19.05 -17.96 1.23
C ALA A 62 19.00 -18.24 2.73
N ALA A 63 18.36 -17.36 3.52
CA ALA A 63 18.33 -17.39 4.99
C ALA A 63 17.16 -16.53 5.41
N ILE A 64 16.56 -16.89 6.54
CA ILE A 64 15.51 -16.05 7.16
C ILE A 64 15.97 -15.70 8.56
N ALA A 65 16.31 -14.43 8.79
CA ALA A 65 16.63 -13.91 10.14
C ALA A 65 15.31 -13.50 10.80
N VAL A 66 15.15 -13.80 12.10
CA VAL A 66 13.91 -13.52 12.85
C VAL A 66 14.24 -12.73 14.10
N PRO A 67 14.68 -11.47 13.93
CA PRO A 67 15.13 -10.67 15.06
C PRO A 67 13.99 -10.21 15.97
N THR A 68 14.29 -10.10 17.27
CA THR A 68 13.39 -9.45 18.26
C THR A 68 13.94 -8.12 18.77
N THR A 69 15.17 -7.73 18.43
CA THR A 69 15.78 -6.45 18.85
C THR A 69 16.44 -5.75 17.68
N VAL A 70 16.58 -4.44 17.77
CA VAL A 70 17.32 -3.62 16.77
C VAL A 70 18.77 -4.15 16.67
N ALA A 71 19.39 -4.51 17.79
CA ALA A 71 20.77 -5.06 17.77
C ALA A 71 20.83 -6.30 16.87
N GLN A 72 19.82 -7.17 16.88
CA GLN A 72 19.77 -8.38 16.01
C GLN A 72 19.57 -7.99 14.54
N VAL A 73 18.80 -6.93 14.27
CA VAL A 73 18.63 -6.41 12.86
C VAL A 73 20.02 -5.90 12.38
N SER A 74 20.73 -5.10 13.20
CA SER A 74 22.07 -4.60 12.84
C SER A 74 22.98 -5.79 12.51
N ALA A 75 23.06 -6.79 13.39
CA ALA A 75 23.94 -7.97 13.18
C ALA A 75 23.55 -8.69 11.89
N ALA A 76 22.25 -8.82 11.63
CA ALA A 76 21.78 -9.55 10.44
C ALA A 76 22.20 -8.78 9.19
N VAL A 77 22.02 -7.48 9.16
CA VAL A 77 22.42 -6.64 8.01
C VAL A 77 23.94 -6.77 7.85
N GLU A 78 24.70 -6.72 8.94
CA GLU A 78 26.19 -6.78 8.84
C GLU A 78 26.58 -8.10 8.18
N CYS A 79 25.92 -9.18 8.56
CA CYS A 79 26.15 -10.53 8.00
C CYS A 79 25.86 -10.57 6.50
N GLY A 80 24.72 -10.04 6.08
CA GLY A 80 24.42 -9.93 4.64
C GLY A 80 25.46 -9.11 3.88
N ALA A 81 25.81 -7.93 4.36
CA ALA A 81 26.76 -7.02 3.70
C ALA A 81 28.11 -7.72 3.61
N LYS A 82 28.57 -8.35 4.69
CA LYS A 82 29.88 -9.03 4.71
C LYS A 82 29.95 -10.11 3.62
N HIS A 83 28.86 -10.79 3.28
CA HIS A 83 28.83 -11.94 2.33
C HIS A 83 28.26 -11.53 0.97
N GLY A 84 27.97 -10.23 0.78
CA GLY A 84 27.51 -9.67 -0.50
C GLY A 84 26.19 -10.27 -0.92
N VAL A 85 25.32 -10.63 0.02
CA VAL A 85 23.98 -11.20 -0.32
C VAL A 85 22.95 -10.05 -0.27
N ALA A 86 22.05 -10.03 -1.25
CA ALA A 86 20.93 -9.08 -1.30
C ALA A 86 20.10 -9.30 -0.02
N ILE A 87 19.58 -8.21 0.50
CA ILE A 87 18.86 -8.17 1.79
C ILE A 87 17.48 -7.58 1.50
N SER A 88 16.45 -8.22 2.04
CA SER A 88 15.04 -7.76 1.93
C SER A 88 14.41 -7.87 3.32
N ALA A 89 13.77 -6.80 3.75
CA ALA A 89 12.98 -6.82 5.00
C ALA A 89 11.55 -7.21 4.65
N LYS A 90 10.93 -8.03 5.50
CA LYS A 90 9.51 -8.43 5.37
C LYS A 90 8.83 -8.04 6.69
N SER A 91 7.84 -7.17 6.63
CA SER A 91 7.03 -6.73 7.81
C SER A 91 5.75 -7.58 7.86
N GLY A 92 4.70 -7.22 7.12
CA GLY A 92 3.46 -7.97 7.12
C GLY A 92 3.39 -8.98 5.99
N GLY A 93 4.31 -8.92 5.03
CA GLY A 93 4.33 -9.86 3.89
C GLY A 93 3.20 -9.73 2.88
N HIS A 94 2.47 -8.62 2.86
CA HIS A 94 1.32 -8.44 1.94
C HIS A 94 1.74 -8.00 0.53
N SER A 95 3.05 -7.88 0.22
CA SER A 95 3.45 -7.48 -1.14
C SER A 95 2.72 -8.32 -2.18
N TYR A 96 2.10 -7.66 -3.14
CA TYR A 96 1.39 -8.37 -4.22
C TYR A 96 2.36 -9.17 -5.12
N THR A 97 3.64 -8.81 -5.09
CA THR A 97 4.67 -9.45 -5.95
C THR A 97 5.79 -10.03 -5.08
N SER A 98 5.56 -10.18 -3.76
CA SER A 98 6.47 -10.91 -2.85
C SER A 98 7.80 -10.18 -2.73
N LEU A 99 7.76 -8.84 -2.79
CA LEU A 99 9.01 -8.04 -2.71
C LEU A 99 9.64 -8.08 -1.31
N GLY A 100 8.96 -8.57 -0.28
CA GLY A 100 9.61 -8.72 1.04
C GLY A 100 10.63 -9.87 0.99
N PHE A 101 10.50 -10.76 0.00
CA PHE A 101 11.47 -11.84 -0.30
C PHE A 101 12.59 -11.31 -1.19
N GLY A 102 12.38 -10.15 -1.81
CA GLY A 102 13.27 -9.68 -2.87
C GLY A 102 12.74 -9.86 -4.27
N GLY A 103 11.57 -10.49 -4.48
CA GLY A 103 11.01 -10.73 -5.82
C GLY A 103 11.86 -11.68 -6.65
N GLU A 104 12.64 -12.51 -5.96
CA GLU A 104 13.56 -13.54 -6.55
C GLU A 104 14.06 -14.41 -5.40
N ASP A 105 14.65 -15.56 -5.74
CA ASP A 105 15.25 -16.47 -4.75
C ASP A 105 16.56 -15.87 -4.25
N GLY A 106 16.99 -16.30 -3.06
CA GLY A 106 18.41 -16.22 -2.65
C GLY A 106 18.75 -15.01 -1.81
N HIS A 107 17.77 -14.21 -1.38
CA HIS A 107 18.09 -13.06 -0.50
C HIS A 107 18.26 -13.55 0.94
N LEU A 108 18.92 -12.72 1.74
CA LEU A 108 18.78 -12.74 3.21
C LEU A 108 17.47 -12.02 3.48
N MET A 109 16.47 -12.76 3.94
CA MET A 109 15.19 -12.12 4.32
C MET A 109 15.16 -11.85 5.85
N ILE A 110 14.88 -10.63 6.21
CA ILE A 110 14.80 -10.21 7.64
C ILE A 110 13.31 -10.10 7.94
N GLU A 111 12.80 -11.13 8.63
CA GLU A 111 11.38 -11.22 9.07
C GLU A 111 11.23 -10.28 10.28
N LEU A 112 10.33 -9.31 10.23
CA LEU A 112 10.17 -8.31 11.32
C LEU A 112 8.89 -8.52 12.14
N ASP A 113 8.06 -9.49 11.82
CA ASP A 113 6.70 -9.56 12.44
C ASP A 113 6.77 -10.03 13.91
N ARG A 114 7.94 -10.36 14.48
CA ARG A 114 8.05 -10.56 15.95
C ARG A 114 8.13 -9.21 16.67
N MET A 115 8.40 -8.12 15.95
CA MET A 115 8.56 -6.78 16.53
C MET A 115 7.35 -5.92 16.14
N TYR A 116 6.37 -5.81 17.04
CA TYR A 116 5.04 -5.25 16.71
C TYR A 116 4.64 -4.24 17.78
N SER A 117 5.61 -3.65 18.48
CA SER A 117 5.36 -2.67 19.56
C SER A 117 4.66 -1.43 19.00
N VAL A 118 3.61 -0.97 19.65
CA VAL A 118 2.97 0.34 19.40
C VAL A 118 3.01 1.12 20.70
N LYS A 119 3.65 2.29 20.72
CA LYS A 119 3.77 3.12 21.95
C LYS A 119 3.24 4.52 21.68
N LEU A 120 2.25 4.88 22.29
CA LEU A 120 1.67 6.22 22.17
C LEU A 120 2.12 7.04 23.37
N ALA A 121 2.48 8.22 23.06
CA ALA A 121 2.99 9.18 24.08
C ALA A 121 1.91 10.20 24.40
N LYS A 122 2.05 10.91 25.52
CA LYS A 122 1.00 11.84 25.99
C LYS A 122 0.84 13.00 25.01
N ASP A 123 1.86 13.35 24.22
CA ASP A 123 1.74 14.49 23.27
C ASP A 123 1.07 14.05 21.94
N GLY A 124 0.62 12.81 21.81
CA GLY A 124 -0.09 12.32 20.60
C GLY A 124 0.87 11.79 19.55
N THR A 125 2.16 11.83 19.80
CA THR A 125 3.16 11.12 18.95
C THR A 125 3.16 9.63 19.29
N ALA A 126 3.50 8.78 18.33
CA ALA A 126 3.54 7.33 18.53
C ALA A 126 4.80 6.77 17.89
N LYS A 127 5.45 5.83 18.55
CA LYS A 127 6.60 5.10 18.01
C LYS A 127 6.12 3.68 17.76
N ILE A 128 6.21 3.23 16.51
CA ILE A 128 5.65 1.92 16.10
C ILE A 128 6.72 1.14 15.36
N GLN A 129 6.86 -0.12 15.73
CA GLN A 129 7.72 -1.07 14.99
C GLN A 129 7.02 -1.43 13.70
N PRO A 130 7.75 -1.53 12.58
CA PRO A 130 7.09 -1.78 11.29
C PRO A 130 6.44 -3.15 11.14
N GLY A 131 6.86 -4.13 11.94
CA GLY A 131 6.23 -5.45 11.99
C GLY A 131 4.82 -5.44 12.62
N ALA A 132 4.38 -4.33 13.17
CA ALA A 132 2.99 -4.20 13.66
C ALA A 132 2.05 -4.21 12.45
N ARG A 133 1.03 -5.09 12.47
CA ARG A 133 0.01 -5.08 11.38
C ARG A 133 -1.00 -3.97 11.65
N LEU A 134 -1.64 -3.47 10.59
CA LEU A 134 -2.49 -2.26 10.67
C LEU A 134 -3.58 -2.48 11.73
N GLY A 135 -4.17 -3.66 11.81
CA GLY A 135 -5.25 -3.89 12.81
C GLY A 135 -4.71 -3.77 14.21
N HIS A 136 -3.47 -4.19 14.43
CA HIS A 136 -2.81 -4.09 15.76
C HIS A 136 -2.48 -2.63 16.04
N VAL A 137 -1.98 -1.90 15.05
CA VAL A 137 -1.76 -0.45 15.15
C VAL A 137 -3.07 0.22 15.59
N ALA A 138 -4.15 -0.05 14.84
CA ALA A 138 -5.42 0.67 15.07
C ALA A 138 -5.94 0.29 16.48
N THR A 139 -5.86 -0.99 16.84
CA THR A 139 -6.38 -1.46 18.14
C THR A 139 -5.61 -0.77 19.28
N GLU A 140 -4.27 -0.76 19.19
CA GLU A 140 -3.41 -0.20 20.25
C GLU A 140 -3.57 1.31 20.35
N LEU A 141 -3.62 2.04 19.24
CA LEU A 141 -3.75 3.50 19.34
C LEU A 141 -5.13 3.84 19.89
N TRP A 142 -6.15 3.11 19.48
CA TRP A 142 -7.53 3.33 19.97
C TRP A 142 -7.56 3.08 21.48
N ASN A 143 -7.04 1.96 21.90
CA ASN A 143 -7.17 1.56 23.34
C ASN A 143 -6.25 2.44 24.20
N GLN A 144 -5.06 2.78 23.74
CA GLN A 144 -4.10 3.55 24.57
C GLN A 144 -4.57 5.00 24.73
N GLY A 145 -5.25 5.60 23.76
CA GLY A 145 -5.52 7.04 23.81
C GLY A 145 -6.59 7.54 22.88
N LYS A 146 -7.39 6.67 22.27
CA LYS A 146 -8.41 7.08 21.30
C LYS A 146 -7.75 7.94 20.20
N ARG A 147 -6.62 7.43 19.71
CA ARG A 147 -5.84 8.06 18.64
C ARG A 147 -5.88 7.13 17.42
N ALA A 148 -5.44 7.66 16.29
CA ALA A 148 -5.50 6.95 15.00
C ALA A 148 -4.42 7.47 14.06
N LEU A 149 -4.12 6.63 13.07
CA LEU A 149 -3.33 7.00 11.87
C LEU A 149 -4.17 6.75 10.63
N ALA A 150 -3.73 7.38 9.55
CA ALA A 150 -4.42 7.27 8.25
C ALA A 150 -3.80 6.09 7.51
N HIS A 151 -4.41 4.94 7.59
CA HIS A 151 -3.90 3.71 6.97
C HIS A 151 -5.07 3.03 6.27
N GLY A 152 -4.73 2.01 5.50
CA GLY A 152 -5.68 1.27 4.66
C GLY A 152 -6.55 0.35 5.49
N THR A 153 -7.33 -0.43 4.79
CA THR A 153 -8.28 -1.34 5.42
C THR A 153 -7.69 -2.74 5.55
N CYS A 154 -6.70 -3.21 4.88
CA CYS A 154 -6.60 -4.62 5.42
C CYS A 154 -5.97 -4.85 6.85
N PRO A 155 -6.55 -5.47 7.94
CA PRO A 155 -5.88 -5.48 9.26
C PRO A 155 -4.56 -6.28 9.36
N GLY A 156 -4.35 -7.16 8.38
CA GLY A 156 -3.16 -8.02 8.35
C GLY A 156 -1.98 -7.36 7.69
N VAL A 157 -2.18 -6.23 7.03
CA VAL A 157 -1.09 -5.54 6.29
C VAL A 157 -0.05 -5.06 7.29
N GLY A 158 1.22 -5.19 6.95
CA GLY A 158 2.26 -4.64 7.81
C GLY A 158 2.34 -3.15 7.71
N LEU A 159 2.62 -2.50 8.77
CA LEU A 159 2.76 -1.03 8.68
C LEU A 159 4.08 -0.74 7.97
N GLY A 160 5.07 -1.47 8.04
CA GLY A 160 6.33 -1.24 7.30
C GLY A 160 6.11 -1.07 5.81
N GLY A 161 5.66 -2.09 5.11
CA GLY A 161 5.53 -1.95 3.66
C GLY A 161 4.53 -0.85 3.34
N HIS A 162 3.46 -0.76 4.10
CA HIS A 162 2.34 0.15 3.80
C HIS A 162 2.82 1.59 3.83
N ALA A 163 3.41 2.00 4.97
CA ALA A 163 3.81 3.41 5.20
C ALA A 163 5.03 3.77 4.35
N LEU A 164 5.92 2.84 4.06
CA LEU A 164 7.15 3.17 3.29
C LEU A 164 6.83 3.44 1.82
N HIS A 165 5.63 3.11 1.36
CA HIS A 165 5.24 3.36 -0.06
C HIS A 165 4.01 4.25 -0.16
N GLY A 166 3.35 4.59 0.95
CA GLY A 166 2.20 5.50 0.86
C GLY A 166 1.23 5.23 1.99
N GLY A 167 0.23 4.44 1.66
CA GLY A 167 -0.78 3.95 2.64
C GLY A 167 -2.08 4.69 2.50
N TYR A 168 -2.97 4.19 1.67
CA TYR A 168 -4.22 4.88 1.29
C TYR A 168 -5.40 4.19 1.97
N GLY A 169 -6.22 4.94 2.70
CA GLY A 169 -7.44 4.34 3.29
C GLY A 169 -8.59 5.32 3.39
N MET A 170 -9.53 4.98 4.25
CA MET A 170 -10.85 5.62 4.26
C MET A 170 -10.85 7.03 4.87
N VAL A 171 -9.74 7.53 5.42
CA VAL A 171 -9.67 8.97 5.79
C VAL A 171 -8.52 9.66 5.08
N ALA A 172 -8.04 9.13 3.95
CA ALA A 172 -6.88 9.70 3.24
C ALA A 172 -7.14 11.17 2.88
N ARG A 173 -8.32 11.51 2.40
CA ARG A 173 -8.50 12.88 1.86
C ARG A 173 -8.49 13.85 3.03
N LYS A 174 -8.78 13.41 4.25
CA LYS A 174 -8.69 14.35 5.41
C LYS A 174 -7.29 14.38 6.02
N HIS A 175 -6.63 13.23 6.14
CA HIS A 175 -5.40 13.11 6.96
C HIS A 175 -4.18 12.71 6.14
N GLY A 176 -4.37 12.39 4.86
CA GLY A 176 -3.26 12.06 3.96
C GLY A 176 -2.99 10.58 3.86
N LEU A 177 -1.88 10.26 3.22
CA LEU A 177 -1.35 8.88 3.22
C LEU A 177 -0.74 8.61 4.58
N THR A 178 -0.52 7.37 4.90
CA THR A 178 0.09 7.01 6.20
C THR A 178 1.38 7.83 6.34
N LEU A 179 2.17 7.92 5.27
CA LEU A 179 3.48 8.58 5.40
C LEU A 179 3.38 10.09 5.59
N ASP A 180 2.20 10.69 5.37
CA ASP A 180 2.00 12.16 5.55
C ASP A 180 2.01 12.49 7.04
N LEU A 181 1.85 11.53 7.94
CA LEU A 181 1.90 11.89 9.38
C LEU A 181 3.18 11.36 10.01
N MET A 182 4.09 10.82 9.22
CA MET A 182 5.39 10.38 9.70
C MET A 182 6.22 11.60 10.06
N ILE A 183 6.82 11.60 11.25
CA ILE A 183 7.69 12.71 11.72
C ILE A 183 9.10 12.21 11.98
N GLY A 184 9.34 10.91 12.02
CA GLY A 184 10.69 10.38 12.24
C GLY A 184 10.79 8.92 11.91
N ALA A 185 12.00 8.40 11.77
CA ALA A 185 12.22 6.96 11.57
C ALA A 185 13.61 6.59 12.07
N THR A 186 13.74 5.34 12.47
CA THR A 186 15.03 4.73 12.80
C THR A 186 15.31 3.69 11.73
N VAL A 187 16.52 3.74 11.15
CA VAL A 187 16.88 2.85 10.01
C VAL A 187 18.21 2.19 10.33
N VAL A 188 18.25 0.88 10.10
CA VAL A 188 19.51 0.10 10.08
C VAL A 188 20.05 0.24 8.65
N LEU A 189 21.09 1.04 8.49
CA LEU A 189 21.71 1.23 7.14
C LEU A 189 22.36 -0.05 6.70
N PRO A 190 22.68 -0.17 5.39
CA PRO A 190 23.31 -1.39 4.91
C PRO A 190 24.69 -1.77 5.49
N THR A 191 25.33 -0.85 6.21
CA THR A 191 26.55 -1.03 7.01
C THR A 191 26.23 -1.67 8.38
N GLY A 192 24.97 -1.61 8.79
CA GLY A 192 24.53 -2.08 10.13
C GLY A 192 24.41 -0.93 11.10
N LYS A 193 24.85 0.27 10.71
CA LYS A 193 24.76 1.49 11.54
C LYS A 193 23.28 1.87 11.69
N VAL A 194 22.87 2.17 12.92
CA VAL A 194 21.51 2.60 13.27
C VAL A 194 21.47 4.12 13.23
N VAL A 195 20.63 4.70 12.41
CA VAL A 195 20.52 6.18 12.32
C VAL A 195 19.08 6.61 12.57
N HIS A 196 18.93 7.82 13.06
CA HIS A 196 17.63 8.50 13.16
C HIS A 196 17.52 9.48 11.99
N CYS A 197 16.33 9.62 11.40
CA CYS A 197 16.05 10.64 10.39
C CYS A 197 14.67 11.28 10.63
N SER A 198 14.52 12.46 10.09
CA SER A 198 13.38 13.38 10.28
C SER A 198 13.49 14.49 9.25
N LYS A 199 12.55 15.41 9.23
CA LYS A 199 12.64 16.61 8.39
C LYS A 199 13.93 17.36 8.73
N THR A 200 14.52 17.17 9.92
CA THR A 200 15.64 18.05 10.39
C THR A 200 16.94 17.28 10.61
N GLU A 201 16.94 15.98 10.37
CA GLU A 201 18.10 15.11 10.63
C GLU A 201 18.18 14.06 9.53
N ASN A 202 19.26 14.03 8.76
CA ASN A 202 19.35 13.07 7.61
C ASN A 202 18.07 13.21 6.78
N SER A 203 17.69 14.43 6.44
CA SER A 203 16.37 14.74 5.82
C SER A 203 16.29 14.08 4.43
N ASP A 204 17.44 13.79 3.79
CA ASP A 204 17.45 13.11 2.46
C ASP A 204 16.99 11.65 2.63
N LEU A 205 17.44 10.96 3.65
CA LEU A 205 17.02 9.58 3.97
C LEU A 205 15.53 9.64 4.33
N PHE A 206 15.12 10.62 5.13
CA PHE A 206 13.71 10.71 5.58
C PHE A 206 12.79 10.96 4.38
N TRP A 207 13.22 11.80 3.44
CA TRP A 207 12.52 12.00 2.14
C TRP A 207 12.38 10.63 1.44
N GLY A 208 13.48 9.88 1.25
CA GLY A 208 13.41 8.64 0.48
C GLY A 208 12.53 7.61 1.14
N ILE A 209 12.56 7.53 2.48
CA ILE A 209 11.79 6.47 3.21
C ILE A 209 10.29 6.74 3.01
N ARG A 210 9.91 7.99 2.81
CA ARG A 210 8.50 8.42 2.67
C ARG A 210 8.11 8.22 1.21
N GLY A 211 8.11 6.97 0.75
CA GLY A 211 7.55 6.62 -0.56
C GLY A 211 8.39 5.58 -1.28
N ALA A 212 9.68 5.47 -0.94
CA ALA A 212 10.59 4.48 -1.59
C ALA A 212 11.41 3.79 -0.50
N GLY A 213 10.76 3.52 0.62
CA GLY A 213 11.46 3.12 1.85
C GLY A 213 11.97 1.70 1.91
N ALA A 214 11.94 0.88 0.86
CA ALA A 214 12.62 -0.44 0.84
C ALA A 214 14.09 -0.30 0.42
N ASN A 215 14.50 0.88 -0.02
CA ASN A 215 15.75 1.06 -0.82
C ASN A 215 16.98 1.33 0.07
N PHE A 216 16.84 1.65 1.36
CA PHE A 216 17.92 2.39 2.08
C PHE A 216 18.34 1.66 3.35
N GLY A 217 17.90 0.42 3.56
CA GLY A 217 18.17 -0.31 4.80
C GLY A 217 16.89 -0.82 5.44
N VAL A 218 16.98 -1.32 6.66
CA VAL A 218 15.81 -1.89 7.39
C VAL A 218 15.26 -0.79 8.30
N VAL A 219 14.02 -0.37 8.06
CA VAL A 219 13.35 0.56 8.98
C VAL A 219 12.99 -0.27 10.21
N VAL A 220 13.34 0.18 11.41
CA VAL A 220 13.06 -0.65 12.64
C VAL A 220 12.13 0.13 13.58
N GLU A 221 11.90 1.40 13.36
CA GLU A 221 10.92 2.24 14.09
C GLU A 221 10.43 3.37 13.20
N LEU A 222 9.15 3.65 13.29
CA LEU A 222 8.49 4.77 12.62
C LEU A 222 7.84 5.60 13.70
N GLU A 223 7.98 6.91 13.61
CA GLU A 223 7.31 7.83 14.55
C GLU A 223 6.29 8.64 13.76
N PHE A 224 5.11 8.85 14.34
CA PHE A 224 4.00 9.57 13.70
C PHE A 224 3.39 10.58 14.67
N GLN A 225 2.79 11.62 14.12
CA GLN A 225 1.85 12.49 14.84
C GLN A 225 0.45 11.91 14.61
N THR A 226 -0.10 11.24 15.62
CA THR A 226 -1.47 10.69 15.51
C THR A 226 -2.50 11.82 15.45
N PHE A 227 -3.72 11.48 15.02
CA PHE A 227 -4.89 12.39 15.13
C PHE A 227 -5.91 11.72 16.08
N ALA A 228 -6.79 12.52 16.62
CA ALA A 228 -7.87 12.00 17.48
C ALA A 228 -8.74 11.05 16.63
N ALA A 229 -8.97 9.83 17.11
CA ALA A 229 -9.81 8.81 16.45
C ALA A 229 -11.24 9.31 16.50
N PRO A 230 -11.92 9.43 15.33
CA PRO A 230 -13.27 9.94 15.30
C PRO A 230 -14.23 9.14 16.20
N GLU A 231 -15.03 9.87 16.97
CA GLU A 231 -16.16 9.31 17.74
C GLU A 231 -17.29 8.91 16.77
N LYS A 232 -17.50 9.69 15.73
CA LYS A 232 -18.57 9.51 14.74
C LYS A 232 -17.94 9.54 13.36
N ILE A 233 -18.05 8.42 12.66
CA ILE A 233 -17.52 8.29 11.29
C ILE A 233 -18.50 7.38 10.60
N THR A 234 -18.96 7.79 9.43
CA THR A 234 -20.07 7.13 8.73
C THR A 234 -19.52 6.39 7.51
N TYR A 235 -19.69 5.08 7.45
CA TYR A 235 -19.40 4.32 6.21
C TYR A 235 -20.66 4.34 5.39
N PHE A 236 -20.51 4.26 4.08
CA PHE A 236 -21.67 4.36 3.19
C PHE A 236 -21.40 3.57 1.91
N ASP A 237 -22.51 3.23 1.26
CA ASP A 237 -22.52 2.48 -0.01
C ASP A 237 -23.65 3.01 -0.87
N ILE A 238 -23.42 3.00 -2.17
CA ILE A 238 -24.44 3.34 -3.18
C ILE A 238 -24.44 2.24 -4.22
N GLY A 239 -25.55 1.48 -4.25
CA GLY A 239 -25.77 0.43 -5.23
C GLY A 239 -26.19 1.06 -6.53
N LEU A 240 -25.66 0.60 -7.63
CA LEU A 240 -25.91 1.18 -8.96
C LEU A 240 -26.38 0.08 -9.92
N ASN A 241 -27.17 0.49 -10.91
CA ASN A 241 -27.63 -0.39 -11.99
C ASN A 241 -27.26 0.31 -13.30
N TRP A 242 -25.98 0.28 -13.61
CA TRP A 242 -25.42 0.94 -14.80
C TRP A 242 -25.19 -0.07 -15.91
N ASP A 243 -25.19 0.45 -17.13
CA ASP A 243 -24.78 -0.32 -18.32
C ASP A 243 -23.93 0.59 -19.18
N GLN A 244 -23.66 0.16 -20.42
CA GLN A 244 -22.75 0.90 -21.32
C GLN A 244 -23.31 2.30 -21.59
N ASN A 245 -24.64 2.52 -21.54
CA ASN A 245 -25.23 3.86 -21.82
C ASN A 245 -25.12 4.82 -20.62
N THR A 246 -25.11 4.34 -19.38
CA THR A 246 -25.22 5.18 -18.18
C THR A 246 -23.89 5.25 -17.45
N ALA A 247 -23.04 4.22 -17.59
CA ALA A 247 -21.80 4.17 -16.77
C ALA A 247 -20.83 5.30 -17.14
N PRO A 248 -20.57 5.64 -18.41
CA PRO A 248 -19.59 6.70 -18.68
C PRO A 248 -19.91 8.02 -17.99
N GLN A 249 -21.14 8.50 -18.09
CA GLN A 249 -21.51 9.79 -17.47
C GLN A 249 -21.56 9.62 -15.95
N GLY A 250 -21.96 8.46 -15.44
CA GLY A 250 -21.94 8.18 -14.00
C GLY A 250 -20.52 8.26 -13.45
N LEU A 251 -19.54 7.64 -14.12
CA LEU A 251 -18.12 7.70 -13.66
C LEU A 251 -17.58 9.12 -13.75
N TYR A 252 -17.94 9.82 -14.82
CA TYR A 252 -17.48 11.21 -15.00
C TYR A 252 -18.08 12.08 -13.89
N ASP A 253 -19.36 11.90 -13.58
CA ASP A 253 -20.04 12.69 -12.54
C ASP A 253 -19.44 12.37 -11.17
N PHE A 254 -19.10 11.10 -10.94
CA PHE A 254 -18.40 10.69 -9.71
C PHE A 254 -17.08 11.46 -9.59
N GLN A 255 -16.26 11.39 -10.64
CA GLN A 255 -14.97 12.12 -10.66
C GLN A 255 -15.17 13.62 -10.38
N GLU A 256 -16.09 14.26 -11.10
CA GLU A 256 -16.29 15.74 -10.98
C GLU A 256 -16.76 16.09 -9.58
N PHE A 257 -17.63 15.28 -8.97
CA PHE A 257 -18.06 15.48 -7.56
C PHE A 257 -16.82 15.41 -6.67
N GLY A 258 -15.96 14.43 -6.92
CA GLY A 258 -14.75 14.22 -6.11
C GLY A 258 -13.84 15.42 -6.13
N LYS A 259 -13.72 16.11 -7.25
CA LYS A 259 -12.81 17.30 -7.35
C LYS A 259 -13.18 18.34 -6.30
N GLY A 260 -14.47 18.57 -6.07
CA GLY A 260 -14.85 19.67 -5.19
C GLY A 260 -15.28 19.23 -3.78
N MET A 261 -15.35 17.94 -3.52
CA MET A 261 -16.05 17.48 -2.30
C MET A 261 -15.15 17.75 -1.08
N PRO A 262 -15.76 17.94 0.11
CA PRO A 262 -14.99 18.21 1.31
C PRO A 262 -14.03 17.08 1.68
N ALA A 263 -12.98 17.45 2.42
CA ALA A 263 -11.91 16.54 2.88
C ALA A 263 -12.49 15.40 3.71
N GLU A 264 -13.62 15.62 4.42
CA GLU A 264 -14.24 14.59 5.29
C GLU A 264 -14.71 13.37 4.50
N ILE A 265 -14.81 13.43 3.16
CA ILE A 265 -15.25 12.27 2.36
C ILE A 265 -14.02 11.63 1.68
N THR A 266 -13.85 10.31 1.82
CA THR A 266 -12.97 9.49 0.99
C THR A 266 -13.85 8.40 0.40
N MET A 267 -13.82 8.22 -0.92
CA MET A 267 -14.69 7.21 -1.49
C MET A 267 -14.12 6.66 -2.79
N GLN A 268 -14.71 5.55 -3.18
CA GLN A 268 -14.23 4.78 -4.34
C GLN A 268 -15.40 4.14 -5.09
N MET A 269 -15.15 3.84 -6.35
CA MET A 269 -16.06 3.12 -7.22
C MET A 269 -15.53 1.70 -7.41
N GLY A 270 -16.32 0.69 -7.05
CA GLY A 270 -15.95 -0.69 -7.33
C GLY A 270 -16.62 -1.17 -8.62
N VAL A 271 -15.93 -1.95 -9.45
CA VAL A 271 -16.46 -2.42 -10.75
C VAL A 271 -16.09 -3.89 -10.87
N SER A 272 -17.02 -4.73 -11.26
CA SER A 272 -16.74 -6.15 -11.62
C SER A 272 -17.80 -6.55 -12.65
N LYS A 273 -17.80 -7.82 -13.05
CA LYS A 273 -18.88 -8.32 -13.91
C LYS A 273 -20.25 -8.11 -13.26
N ASN A 274 -20.34 -8.01 -11.93
CA ASN A 274 -21.60 -7.81 -11.17
C ASN A 274 -22.08 -6.36 -11.29
N GLY A 275 -21.30 -5.45 -11.88
CA GLY A 275 -21.69 -4.04 -12.05
C GLY A 275 -20.88 -3.09 -11.19
N TYR A 276 -21.49 -1.98 -10.81
CA TYR A 276 -20.79 -0.78 -10.28
C TYR A 276 -21.33 -0.48 -8.87
N SER A 277 -20.51 -0.02 -7.92
CA SER A 277 -21.00 0.34 -6.57
C SER A 277 -20.04 1.36 -5.98
N VAL A 278 -20.58 2.34 -5.26
CA VAL A 278 -19.77 3.34 -4.53
C VAL A 278 -19.61 2.86 -3.09
N ASP A 279 -18.41 2.97 -2.52
CA ASP A 279 -18.26 2.80 -1.04
C ASP A 279 -17.31 3.86 -0.53
N GLY A 280 -17.52 4.30 0.70
CA GLY A 280 -16.65 5.33 1.24
C GLY A 280 -16.86 5.52 2.73
N ALA A 281 -16.19 6.51 3.27
CA ALA A 281 -16.33 6.90 4.69
C ALA A 281 -16.39 8.41 4.79
N TYR A 282 -17.16 8.88 5.77
CA TYR A 282 -17.38 10.32 5.98
C TYR A 282 -17.10 10.65 7.46
N ILE A 283 -16.19 11.56 7.72
CA ILE A 283 -15.91 11.96 9.13
C ILE A 283 -17.06 12.88 9.55
N GLY A 284 -17.96 12.33 10.33
CA GLY A 284 -19.19 13.02 10.75
C GLY A 284 -20.34 12.05 10.80
N ASP A 285 -21.55 12.56 11.07
CA ASP A 285 -22.71 11.68 11.28
C ASP A 285 -23.51 11.42 10.00
N GLU A 286 -24.48 10.54 10.12
CA GLU A 286 -25.22 10.05 8.94
C GLU A 286 -25.98 11.20 8.28
N ALA A 287 -26.68 12.02 9.07
CA ALA A 287 -27.48 13.11 8.47
C ALA A 287 -26.59 14.02 7.62
N SER A 288 -25.39 14.36 8.13
CA SER A 288 -24.42 15.25 7.46
C SER A 288 -23.91 14.56 6.18
N LEU A 289 -23.65 13.25 6.26
CA LEU A 289 -23.19 12.47 5.07
C LEU A 289 -24.27 12.52 3.99
N ARG A 290 -25.53 12.26 4.37
CA ARG A 290 -26.64 12.27 3.38
C ARG A 290 -26.75 13.64 2.74
N LYS A 291 -26.62 14.73 3.51
CA LYS A 291 -26.66 16.09 2.90
C LYS A 291 -25.49 16.31 1.96
N ALA A 292 -24.30 15.85 2.34
CA ALA A 292 -23.07 16.03 1.54
C ALA A 292 -23.14 15.26 0.22
N LEU A 293 -23.77 14.08 0.22
CA LEU A 293 -23.85 13.25 -1.02
C LEU A 293 -25.02 13.61 -1.92
N GLN A 294 -25.99 14.38 -1.45
CA GLN A 294 -27.23 14.61 -2.21
C GLN A 294 -26.91 15.11 -3.62
N PRO A 295 -25.94 16.02 -3.90
CA PRO A 295 -25.65 16.37 -5.29
C PRO A 295 -25.22 15.21 -6.19
N LEU A 296 -24.45 14.27 -5.65
CA LEU A 296 -24.04 13.08 -6.43
C LEU A 296 -25.23 12.17 -6.66
N VAL A 297 -26.04 11.94 -5.64
CA VAL A 297 -27.30 11.17 -5.79
C VAL A 297 -28.12 11.79 -6.92
N GLN A 298 -28.27 13.13 -6.93
CA GLN A 298 -29.06 13.83 -7.96
C GLN A 298 -28.41 13.69 -9.34
N LYS A 299 -27.07 13.63 -9.43
CA LYS A 299 -26.42 13.39 -10.73
C LYS A 299 -26.86 12.02 -11.30
N PHE A 300 -26.88 10.99 -10.46
CA PHE A 300 -27.08 9.60 -10.91
C PHE A 300 -28.57 9.32 -11.23
N GLY A 301 -29.46 9.58 -10.28
CA GLY A 301 -30.87 9.22 -10.39
C GLY A 301 -31.14 7.79 -9.97
N GLY A 302 -32.23 7.61 -9.23
CA GLY A 302 -32.73 6.26 -8.90
C GLY A 302 -31.75 5.44 -8.07
N VAL A 303 -30.99 6.09 -7.20
CA VAL A 303 -30.08 5.37 -6.26
C VAL A 303 -30.50 5.73 -4.84
N GLN A 304 -30.24 4.81 -3.91
CA GLN A 304 -30.36 4.99 -2.43
C GLN A 304 -28.97 4.84 -1.81
N VAL A 305 -28.66 5.75 -0.90
CA VAL A 305 -27.45 5.67 -0.06
C VAL A 305 -27.80 4.81 1.15
N THR A 306 -26.99 3.81 1.43
CA THR A 306 -27.01 3.10 2.73
C THR A 306 -25.85 3.64 3.55
N ALA A 307 -26.01 3.82 4.85
CA ALA A 307 -24.98 4.48 5.67
C ALA A 307 -25.18 4.14 7.14
N THR A 308 -24.07 4.02 7.84
CA THR A 308 -24.07 3.70 9.27
C THR A 308 -22.99 4.52 9.95
N THR A 309 -23.35 5.21 11.04
CA THR A 309 -22.36 5.92 11.84
C THR A 309 -21.84 4.98 12.92
N VAL A 310 -20.54 4.92 13.03
CA VAL A 310 -19.79 4.12 14.04
C VAL A 310 -18.67 4.99 14.59
N ASP A 311 -17.85 4.45 15.47
CA ASP A 311 -16.60 5.11 15.90
C ASP A 311 -15.46 4.52 15.09
N TRP A 312 -14.29 5.09 15.25
CA TRP A 312 -13.12 4.70 14.45
C TRP A 312 -12.88 3.18 14.52
N MET A 313 -12.86 2.58 15.71
CA MET A 313 -12.55 1.16 15.82
C MET A 313 -13.67 0.33 15.17
N GLY A 314 -14.92 0.80 15.24
CA GLY A 314 -16.07 0.22 14.51
C GLY A 314 -15.89 0.27 12.99
N LEU A 315 -15.34 1.37 12.50
CA LEU A 315 -15.06 1.56 11.06
C LEU A 315 -13.96 0.57 10.66
N VAL A 316 -12.85 0.50 11.40
CA VAL A 316 -11.74 -0.46 11.13
C VAL A 316 -12.29 -1.89 11.12
N THR A 317 -13.18 -2.21 12.05
CA THR A 317 -13.71 -3.58 12.16
C THR A 317 -14.60 -3.83 10.94
N HIS A 318 -15.42 -2.87 10.54
CA HIS A 318 -16.39 -3.04 9.44
C HIS A 318 -15.63 -3.38 8.16
N PHE A 319 -14.57 -2.63 7.88
CA PHE A 319 -13.82 -2.81 6.60
C PHE A 319 -12.86 -3.99 6.66
N ALA A 320 -12.61 -4.60 7.81
CA ALA A 320 -11.75 -5.80 7.92
C ALA A 320 -12.47 -6.97 7.27
N GLY A 321 -13.80 -6.96 7.35
CA GLY A 321 -14.63 -8.06 6.84
C GLY A 321 -15.06 -8.98 7.96
N ALA A 322 -16.23 -9.59 7.81
CA ALA A 322 -16.78 -10.60 8.75
C ALA A 322 -15.73 -11.68 9.06
N GLY A 323 -15.47 -11.95 10.35
CA GLY A 323 -14.67 -13.12 10.79
C GLY A 323 -13.17 -12.99 10.58
N VAL A 324 -12.67 -11.79 10.26
CA VAL A 324 -11.20 -11.53 10.16
C VAL A 324 -10.71 -11.05 11.53
N ASN A 325 -9.54 -11.52 11.94
CA ASN A 325 -8.85 -11.05 13.16
C ASN A 325 -8.44 -9.60 12.93
N VAL A 326 -9.00 -8.68 13.71
CA VAL A 326 -8.74 -7.23 13.59
C VAL A 326 -7.51 -6.86 14.42
N ASN A 327 -6.97 -7.79 15.21
CA ASN A 327 -5.77 -7.49 16.01
C ASN A 327 -4.73 -8.58 15.86
N PRO A 328 -4.25 -8.86 14.63
CA PRO A 328 -3.31 -9.96 14.43
C PRO A 328 -1.88 -9.60 14.86
N THR A 329 -1.30 -10.45 15.72
CA THR A 329 0.11 -10.32 16.16
C THR A 329 0.84 -11.67 16.04
N SER A 330 0.15 -12.79 15.86
CA SER A 330 0.79 -14.13 15.92
C SER A 330 1.81 -14.28 14.80
N ALA A 331 2.92 -14.96 15.08
CA ALA A 331 3.90 -15.39 14.06
C ALA A 331 3.24 -16.37 13.07
N SER A 332 2.13 -17.03 13.42
CA SER A 332 1.43 -18.01 12.55
C SER A 332 0.51 -17.34 11.49
N TYR A 333 0.52 -16.01 11.37
CA TYR A 333 -0.24 -15.31 10.29
C TYR A 333 -0.09 -16.08 8.97
N ASP A 334 -1.20 -16.43 8.32
CA ASP A 334 -1.13 -17.24 7.09
C ASP A 334 -2.27 -16.88 6.15
N ALA A 335 -2.61 -15.60 6.01
CA ALA A 335 -3.51 -15.15 4.94
C ALA A 335 -2.83 -15.41 3.59
N HIS A 336 -3.60 -15.81 2.58
CA HIS A 336 -3.11 -16.02 1.20
C HIS A 336 -4.17 -15.61 0.19
N ASP A 337 -3.71 -15.26 -0.99
CA ASP A 337 -4.53 -15.24 -2.21
C ASP A 337 -3.65 -15.69 -3.34
N ASN A 338 -4.25 -15.96 -4.48
CA ASN A 338 -3.56 -16.43 -5.71
C ASN A 338 -3.98 -15.52 -6.85
N PHE A 339 -3.20 -14.48 -7.14
CA PHE A 339 -3.71 -13.35 -7.95
C PHE A 339 -2.62 -12.61 -8.70
N TYR A 340 -3.09 -11.79 -9.63
CA TYR A 340 -2.31 -10.78 -10.35
C TYR A 340 -3.04 -9.44 -10.19
N ALA A 341 -2.28 -8.37 -10.05
CA ALA A 341 -2.84 -7.02 -9.86
C ALA A 341 -2.02 -6.03 -10.63
N SER A 342 -2.62 -4.87 -10.84
CA SER A 342 -1.92 -3.70 -11.41
C SER A 342 -2.63 -2.46 -10.86
N SER A 343 -2.16 -1.31 -11.26
CA SER A 343 -2.71 -0.04 -10.74
C SER A 343 -2.53 1.05 -11.78
N LEU A 344 -3.19 2.17 -11.55
CA LEU A 344 -3.01 3.37 -12.38
C LEU A 344 -3.22 4.59 -11.50
N ALA A 345 -2.22 5.46 -11.44
CA ALA A 345 -2.36 6.81 -10.88
C ALA A 345 -2.62 7.77 -12.04
N ALA A 346 -3.82 8.35 -12.09
CA ALA A 346 -4.27 9.06 -13.31
C ALA A 346 -4.73 10.47 -12.96
N PRO A 347 -4.50 11.42 -13.88
CA PRO A 347 -5.15 12.72 -13.77
C PRO A 347 -6.65 12.57 -14.05
N ALA A 348 -7.41 13.64 -13.86
CA ALA A 348 -8.83 13.64 -14.27
C ALA A 348 -8.96 13.17 -15.71
N LEU A 349 -9.97 12.40 -15.98
CA LEU A 349 -10.24 11.81 -17.31
C LEU A 349 -11.38 12.55 -18.00
N THR A 350 -11.41 12.48 -19.31
CA THR A 350 -12.51 13.06 -20.08
C THR A 350 -13.65 12.04 -20.12
N LEU A 351 -14.68 12.49 -20.47
CA LEU A 351 -15.85 11.59 -20.65
C LEU A 351 -15.55 10.64 -21.81
N ALA A 352 -14.93 10.98 -22.83
CA ALA A 352 -14.52 10.07 -23.93
C ALA A 352 -13.61 8.96 -23.38
N GLU A 353 -12.66 9.29 -22.49
CA GLU A 353 -11.81 8.27 -21.84
C GLU A 353 -12.67 7.32 -20.98
N PHE A 354 -13.66 7.84 -20.25
CA PHE A 354 -14.54 6.93 -19.48
C PHE A 354 -15.32 6.03 -20.46
N LYS A 355 -15.75 6.56 -21.61
CA LYS A 355 -16.45 5.72 -22.62
C LYS A 355 -15.55 4.58 -23.12
N SER A 356 -14.26 4.81 -23.36
CA SER A 356 -13.30 3.76 -23.80
C SER A 356 -13.22 2.68 -22.73
N PHE A 357 -13.05 3.12 -21.48
CA PHE A 357 -12.98 2.23 -20.31
C PHE A 357 -14.25 1.38 -20.20
N VAL A 358 -15.42 2.02 -20.19
CA VAL A 358 -16.72 1.31 -20.03
C VAL A 358 -16.91 0.35 -21.23
N ASN A 359 -16.53 0.77 -22.44
CA ASN A 359 -16.58 -0.11 -23.67
C ASN A 359 -15.77 -1.40 -23.42
N PHE A 360 -14.57 -1.31 -22.85
CA PHE A 360 -13.72 -2.48 -22.54
C PHE A 360 -14.43 -3.31 -21.46
N VAL A 361 -14.91 -2.65 -20.41
CA VAL A 361 -15.57 -3.38 -19.29
C VAL A 361 -16.82 -4.11 -19.81
N SER A 362 -17.58 -3.47 -20.70
CA SER A 362 -18.88 -3.96 -21.20
C SER A 362 -18.73 -5.06 -22.24
N THR A 363 -17.53 -5.26 -22.79
CA THR A 363 -17.26 -6.23 -23.89
C THR A 363 -16.28 -7.27 -23.36
N THR A 364 -14.98 -6.97 -23.39
CA THR A 364 -13.93 -7.89 -22.89
C THR A 364 -14.14 -8.24 -21.41
N GLY A 365 -14.41 -7.27 -20.52
CA GLY A 365 -14.63 -7.58 -19.11
C GLY A 365 -15.83 -8.49 -18.91
N LYS A 366 -16.94 -8.16 -19.57
CA LYS A 366 -18.26 -8.84 -19.42
C LYS A 366 -18.11 -10.30 -19.84
N SER A 367 -17.38 -10.59 -20.91
CA SER A 367 -17.35 -11.94 -21.49
C SER A 367 -16.23 -12.77 -20.86
N SER A 368 -15.43 -12.21 -19.96
CA SER A 368 -14.25 -12.90 -19.37
C SER A 368 -14.72 -13.97 -18.38
N SER A 369 -14.08 -15.15 -18.38
CA SER A 369 -14.33 -16.18 -17.35
C SER A 369 -13.62 -15.81 -16.05
N HIS A 370 -12.74 -14.80 -16.08
CA HIS A 370 -11.91 -14.44 -14.90
C HIS A 370 -12.74 -13.74 -13.84
N SER A 371 -12.46 -13.97 -12.56
CA SER A 371 -13.08 -13.24 -11.43
C SER A 371 -12.24 -11.97 -11.18
N TRP A 372 -12.41 -11.02 -12.06
CA TRP A 372 -11.64 -9.75 -12.01
C TRP A 372 -12.46 -8.71 -11.24
N TRP A 373 -11.79 -7.71 -10.68
CA TRP A 373 -12.53 -6.53 -10.13
C TRP A 373 -11.57 -5.34 -10.17
N LEU A 374 -12.11 -4.14 -10.00
CA LEU A 374 -11.24 -2.95 -9.93
C LEU A 374 -11.89 -1.95 -9.00
N GLN A 375 -11.06 -1.05 -8.49
CA GLN A 375 -11.54 0.08 -7.69
C GLN A 375 -11.02 1.34 -8.36
N MET A 376 -11.85 2.35 -8.38
CA MET A 376 -11.43 3.71 -8.77
C MET A 376 -11.58 4.65 -7.57
N ASP A 377 -10.47 5.04 -6.97
CA ASP A 377 -10.45 5.82 -5.72
C ASP A 377 -10.26 7.29 -6.10
N ILE A 378 -10.99 8.21 -5.44
CA ILE A 378 -10.68 9.66 -5.58
C ILE A 378 -9.59 9.97 -4.56
N THR A 379 -8.34 10.16 -5.00
CA THR A 379 -7.23 10.55 -4.10
C THR A 379 -7.12 12.07 -4.01
N GLY A 380 -7.51 12.81 -5.05
CA GLY A 380 -7.24 14.25 -5.13
C GLY A 380 -8.47 15.12 -4.90
N GLY A 381 -8.42 16.31 -5.52
CA GLY A 381 -9.46 17.33 -5.40
C GLY A 381 -8.94 18.49 -4.56
N THR A 382 -9.63 19.60 -4.67
CA THR A 382 -9.24 20.86 -4.02
C THR A 382 -8.84 20.65 -2.56
N TYR A 383 -9.65 19.92 -1.78
CA TYR A 383 -9.49 19.81 -0.32
C TYR A 383 -8.73 18.56 0.12
N SER A 384 -8.23 17.72 -0.80
CA SER A 384 -7.56 16.46 -0.41
C SER A 384 -6.19 16.68 0.22
N ALA A 385 -5.94 16.05 1.35
CA ALA A 385 -4.62 16.02 2.02
C ALA A 385 -3.61 15.20 1.21
N VAL A 386 -4.08 14.22 0.42
CA VAL A 386 -3.13 13.40 -0.39
C VAL A 386 -2.50 14.30 -1.44
N SER A 387 -3.28 15.19 -2.05
CA SER A 387 -2.80 15.99 -3.20
C SER A 387 -2.39 17.39 -2.71
N LYS A 388 -2.15 17.55 -1.42
CA LYS A 388 -1.69 18.87 -0.89
C LYS A 388 -0.17 19.02 -1.07
N PRO A 389 0.68 18.07 -0.64
CA PRO A 389 2.11 18.16 -0.92
C PRO A 389 2.39 18.26 -2.42
N LYS A 390 3.47 18.92 -2.81
CA LYS A 390 3.93 18.86 -4.21
C LYS A 390 4.54 17.48 -4.44
N PRO A 391 4.58 17.02 -5.70
CA PRO A 391 5.21 15.76 -6.02
C PRO A 391 6.63 15.56 -5.46
N SER A 392 7.43 16.62 -5.36
CA SER A 392 8.83 16.53 -4.91
C SER A 392 8.96 16.61 -3.39
N ASP A 393 7.89 16.86 -2.64
CA ASP A 393 8.00 17.05 -1.16
C ASP A 393 8.36 15.75 -0.42
N THR A 394 7.96 14.58 -0.94
CA THR A 394 8.34 13.26 -0.39
C THR A 394 8.71 12.40 -1.61
N ALA A 395 9.26 11.22 -1.39
CA ALA A 395 9.53 10.28 -2.50
C ALA A 395 8.21 9.88 -3.18
N TYR A 396 7.06 9.96 -2.50
CA TYR A 396 5.73 9.63 -3.09
C TYR A 396 5.38 10.71 -4.12
N VAL A 397 5.38 10.35 -5.39
CA VAL A 397 5.33 11.36 -6.46
C VAL A 397 3.90 11.71 -6.88
N HIS A 398 2.91 10.82 -6.70
CA HIS A 398 1.59 10.93 -7.37
C HIS A 398 0.67 11.88 -6.59
N ARG A 399 1.12 13.11 -6.43
CA ARG A 399 0.37 14.17 -5.69
C ARG A 399 -0.48 15.00 -6.66
N ASP A 400 -0.21 14.89 -7.95
CA ASP A 400 -0.81 15.69 -9.02
C ASP A 400 -1.99 14.92 -9.66
N THR A 401 -2.17 13.66 -9.32
CA THR A 401 -3.21 12.79 -9.90
C THR A 401 -4.50 12.92 -9.08
N LEU A 402 -5.65 12.65 -9.69
CA LEU A 402 -6.95 12.72 -9.03
C LEU A 402 -7.39 11.31 -8.62
N LEU A 403 -7.06 10.30 -9.46
CA LEU A 403 -7.63 8.96 -9.38
C LEU A 403 -6.53 7.95 -9.09
N LEU A 404 -6.89 6.96 -8.30
CA LEU A 404 -6.06 5.76 -8.10
C LEU A 404 -6.93 4.57 -8.47
N PHE A 405 -6.51 3.81 -9.47
CA PHE A 405 -7.19 2.58 -9.84
C PHE A 405 -6.37 1.38 -9.33
N GLN A 406 -7.10 0.40 -8.82
CA GLN A 406 -6.54 -0.92 -8.50
C GLN A 406 -7.23 -1.97 -9.39
N PHE A 407 -6.48 -2.79 -10.09
CA PHE A 407 -7.03 -3.86 -10.96
C PHE A 407 -6.58 -5.20 -10.40
N TYR A 408 -7.50 -6.14 -10.26
CA TYR A 408 -7.24 -7.41 -9.51
C TYR A 408 -7.89 -8.58 -10.23
N ASP A 409 -7.16 -9.70 -10.30
CA ASP A 409 -7.69 -10.96 -10.89
C ASP A 409 -7.20 -12.10 -10.02
N SER A 410 -8.12 -12.93 -9.54
CA SER A 410 -7.87 -13.97 -8.52
C SER A 410 -8.32 -15.33 -9.07
N VAL A 411 -7.61 -16.39 -8.71
CA VAL A 411 -8.00 -17.80 -8.98
C VAL A 411 -7.92 -18.57 -7.67
N ALA A 412 -8.43 -19.81 -7.65
CA ALA A 412 -8.48 -20.55 -6.38
C ALA A 412 -7.04 -20.88 -5.95
N ALA A 413 -6.89 -21.19 -4.66
CA ALA A 413 -5.61 -21.45 -3.98
C ALA A 413 -4.87 -22.57 -4.70
N THR A 414 -5.61 -23.52 -5.28
CA THR A 414 -5.08 -24.76 -5.91
C THR A 414 -5.11 -24.66 -7.43
N ALA A 415 -5.46 -23.50 -8.00
CA ALA A 415 -5.37 -23.27 -9.46
C ALA A 415 -4.02 -22.63 -9.77
N GLN A 416 -3.55 -22.77 -11.01
CA GLN A 416 -2.44 -21.99 -11.55
C GLN A 416 -3.05 -20.76 -12.25
N TYR A 417 -2.48 -19.59 -11.99
CA TYR A 417 -2.92 -18.33 -12.62
C TYR A 417 -2.67 -18.40 -14.13
N PRO A 418 -3.70 -18.22 -14.99
CA PRO A 418 -3.48 -18.35 -16.43
C PRO A 418 -2.91 -17.08 -17.08
N SER A 419 -2.08 -17.22 -18.12
CA SER A 419 -1.34 -16.07 -18.71
C SER A 419 -2.30 -15.12 -19.44
N ASP A 420 -3.49 -15.56 -19.87
CA ASP A 420 -4.48 -14.63 -20.50
C ASP A 420 -4.96 -13.62 -19.44
N GLY A 421 -4.82 -13.91 -18.16
CA GLY A 421 -5.12 -12.95 -17.06
C GLY A 421 -4.25 -11.70 -17.11
N PHE A 422 -2.97 -11.85 -17.44
CA PHE A 422 -2.09 -10.69 -17.66
C PHE A 422 -2.68 -9.79 -18.74
N ASN A 423 -3.15 -10.37 -19.86
CA ASN A 423 -3.63 -9.53 -20.98
C ASN A 423 -4.98 -8.89 -20.60
N LEU A 424 -5.79 -9.57 -19.81
CA LEU A 424 -7.10 -9.02 -19.38
C LEU A 424 -6.80 -7.74 -18.59
N ILE A 425 -5.92 -7.87 -17.59
CA ILE A 425 -5.65 -6.71 -16.67
C ILE A 425 -4.94 -5.59 -17.43
N LYS A 426 -3.96 -5.92 -18.28
CA LYS A 426 -3.29 -4.91 -19.13
C LYS A 426 -4.34 -4.18 -19.97
N GLY A 427 -5.30 -4.91 -20.52
CA GLY A 427 -6.31 -4.29 -21.40
C GLY A 427 -7.21 -3.36 -20.60
N LEU A 428 -7.62 -3.77 -19.41
CA LEU A 428 -8.45 -2.93 -18.49
C LEU A 428 -7.71 -1.62 -18.24
N ARG A 429 -6.44 -1.71 -17.86
CA ARG A 429 -5.67 -0.50 -17.51
C ARG A 429 -5.46 0.36 -18.77
N GLN A 430 -5.03 -0.26 -19.87
CA GLN A 430 -4.67 0.49 -21.08
C GLN A 430 -5.91 1.09 -21.76
N SER A 431 -7.12 0.59 -21.48
CA SER A 431 -8.38 1.22 -21.97
C SER A 431 -8.42 2.67 -21.50
N ILE A 432 -7.75 2.99 -20.38
CA ILE A 432 -7.54 4.38 -19.90
C ILE A 432 -6.16 4.88 -20.29
N SER A 433 -5.07 4.19 -19.95
CA SER A 433 -3.74 4.83 -19.91
C SER A 433 -3.25 5.11 -21.33
N SER A 434 -3.70 4.36 -22.33
CA SER A 434 -3.15 4.51 -23.70
C SER A 434 -3.62 5.86 -24.30
N SER A 435 -4.60 6.51 -23.70
CA SER A 435 -5.10 7.82 -24.17
C SER A 435 -4.50 8.97 -23.37
N LEU A 436 -3.66 8.72 -22.35
CA LEU A 436 -3.13 9.79 -21.47
C LEU A 436 -1.80 10.35 -21.97
N LYS A 437 -1.50 11.62 -21.71
CA LYS A 437 -0.21 12.25 -22.10
C LYS A 437 0.91 11.55 -21.33
N ALA A 438 2.04 11.28 -21.98
CA ALA A 438 3.24 10.65 -21.38
C ALA A 438 3.68 11.53 -20.20
N GLY A 439 4.05 10.90 -19.08
CA GLY A 439 4.59 11.62 -17.91
C GLY A 439 3.51 12.13 -16.98
N THR A 440 2.23 11.93 -17.27
CA THR A 440 1.11 12.49 -16.48
C THR A 440 0.49 11.40 -15.61
N TRP A 441 1.00 10.18 -15.72
CA TRP A 441 0.38 9.03 -15.03
C TRP A 441 1.45 8.04 -14.60
N GLY A 442 1.10 7.17 -13.68
CA GLY A 442 1.99 6.09 -13.23
C GLY A 442 1.23 4.99 -12.55
N MET A 443 1.92 4.33 -11.64
CA MET A 443 1.41 3.20 -10.85
C MET A 443 1.82 3.41 -9.39
N TYR A 444 1.11 2.71 -8.49
CA TYR A 444 1.25 2.79 -7.00
C TYR A 444 2.13 1.60 -6.52
N ALA A 445 3.33 1.85 -5.95
CA ALA A 445 4.26 0.82 -5.47
C ALA A 445 3.58 -0.10 -4.45
N ASN A 446 2.49 0.32 -3.78
CA ASN A 446 1.77 -0.59 -2.86
C ASN A 446 0.88 -1.56 -3.63
N TYR A 447 0.65 -1.33 -4.93
CA TYR A 447 -0.11 -2.24 -5.81
C TYR A 447 0.77 -2.57 -6.99
N PRO A 448 1.92 -3.20 -6.74
CA PRO A 448 2.95 -3.35 -7.76
C PRO A 448 2.52 -4.33 -8.85
N ASP A 449 2.98 -4.06 -10.07
CA ASP A 449 2.68 -4.85 -11.29
C ASP A 449 3.94 -5.64 -11.67
N SER A 450 3.88 -6.96 -11.50
CA SER A 450 5.04 -7.84 -11.78
C SER A 450 5.42 -7.83 -13.25
N GLN A 451 4.51 -7.53 -14.19
CA GLN A 451 4.74 -7.76 -15.64
C GLN A 451 5.43 -6.58 -16.31
N ILE A 452 5.49 -5.42 -15.68
CA ILE A 452 6.05 -4.22 -16.36
C ILE A 452 7.56 -4.40 -16.50
N LYS A 453 8.14 -3.83 -17.55
CA LYS A 453 9.62 -3.80 -17.69
C LYS A 453 10.23 -3.18 -16.43
N ASN A 454 11.39 -3.69 -16.09
CA ASN A 454 12.08 -3.32 -14.84
C ASN A 454 12.27 -1.81 -14.64
N ASP A 455 12.87 -1.05 -15.57
CA ASP A 455 13.08 0.40 -15.48
C ASP A 455 11.80 1.21 -15.79
N ARG A 456 10.96 0.77 -16.52
CA ARG A 456 9.61 1.35 -16.72
C ARG A 456 8.83 1.29 -15.39
N ALA A 457 9.07 0.29 -14.56
CA ALA A 457 8.38 0.17 -13.25
C ALA A 457 8.87 1.31 -12.36
N THR A 458 10.17 1.52 -12.30
CA THR A 458 10.74 2.58 -11.45
C THR A 458 10.15 3.95 -11.84
N GLU A 459 10.02 4.22 -13.15
CA GLU A 459 9.42 5.48 -13.62
C GLU A 459 7.92 5.51 -13.28
N MET A 460 7.18 4.40 -13.41
CA MET A 460 5.74 4.36 -13.09
C MET A 460 5.55 4.68 -11.59
N TYR A 461 6.37 4.08 -10.73
CA TYR A 461 6.15 4.23 -9.27
C TYR A 461 6.60 5.60 -8.74
N TRP A 462 7.71 6.14 -9.24
CA TRP A 462 8.35 7.33 -8.62
C TRP A 462 8.50 8.51 -9.60
N GLY A 463 8.21 8.33 -10.90
CA GLY A 463 8.16 9.44 -11.86
C GLY A 463 9.36 10.36 -11.76
N SER A 464 9.10 11.66 -11.65
CA SER A 464 10.11 12.72 -11.66
C SER A 464 10.99 12.69 -10.41
N ASN A 465 10.68 11.85 -9.39
CA ASN A 465 11.52 11.71 -8.19
C ASN A 465 12.65 10.70 -8.40
N VAL A 466 12.69 9.97 -9.51
CA VAL A 466 13.70 8.90 -9.67
C VAL A 466 15.13 9.49 -9.54
N ALA A 467 15.44 10.60 -10.19
CA ALA A 467 16.82 11.13 -10.20
C ALA A 467 17.32 11.41 -8.78
N LYS A 468 16.51 12.09 -7.96
CA LYS A 468 16.86 12.37 -6.55
C LYS A 468 16.94 11.07 -5.75
N LEU A 469 16.03 10.11 -5.98
CA LEU A 469 16.10 8.80 -5.27
C LEU A 469 17.40 8.08 -5.61
N GLU A 470 17.88 8.16 -6.86
CA GLU A 470 19.17 7.50 -7.23
C GLU A 470 20.34 8.13 -6.47
N ALA A 471 20.29 9.43 -6.23
CA ALA A 471 21.35 10.12 -5.47
C ALA A 471 21.28 9.71 -3.99
N VAL A 472 20.07 9.60 -3.43
CA VAL A 472 19.93 9.10 -2.05
C VAL A 472 20.45 7.67 -1.97
N LYS A 473 20.13 6.86 -2.96
CA LYS A 473 20.54 5.46 -3.01
C LYS A 473 22.07 5.36 -3.05
N ALA A 474 22.72 6.17 -3.88
CA ALA A 474 24.20 6.18 -3.98
C ALA A 474 24.81 6.52 -2.61
N LYS A 475 24.15 7.37 -1.81
CA LYS A 475 24.67 7.80 -0.48
C LYS A 475 24.46 6.69 0.56
N TYR A 476 23.29 6.09 0.63
CA TYR A 476 22.94 5.14 1.74
C TYR A 476 23.07 3.68 1.35
N ASP A 477 22.90 3.30 0.07
CA ASP A 477 23.06 1.88 -0.31
C ASP A 477 23.83 1.82 -1.61
N PRO A 478 25.11 2.28 -1.62
CA PRO A 478 25.91 2.29 -2.85
C PRO A 478 26.15 0.92 -3.47
N LYS A 479 26.14 -0.15 -2.69
CA LYS A 479 26.38 -1.51 -3.17
C LYS A 479 25.06 -2.15 -3.65
N ASN A 480 23.94 -1.46 -3.46
CA ASN A 480 22.61 -1.95 -3.92
C ASN A 480 22.34 -3.36 -3.33
N LEU A 481 22.51 -3.52 -2.02
CA LEU A 481 22.13 -4.77 -1.31
C LEU A 481 20.61 -4.82 -1.13
N PHE A 482 19.96 -3.67 -0.96
CA PHE A 482 18.49 -3.59 -0.71
C PHE A 482 17.80 -3.38 -2.05
N ARG A 483 17.74 -4.46 -2.80
CA ARG A 483 17.29 -4.41 -4.21
C ARG A 483 16.18 -5.42 -4.48
N ASN A 484 15.43 -5.13 -5.52
CA ASN A 484 14.47 -6.06 -6.13
C ASN A 484 14.37 -5.65 -7.60
N PRO A 485 13.69 -6.42 -8.47
CA PRO A 485 13.74 -6.10 -9.89
C PRO A 485 13.22 -4.69 -10.24
N GLN A 486 12.40 -4.06 -9.38
CA GLN A 486 11.75 -2.78 -9.73
C GLN A 486 12.29 -1.64 -8.87
N SER A 487 13.43 -1.84 -8.23
CA SER A 487 13.95 -0.92 -7.20
C SER A 487 14.91 0.08 -7.84
N ILE A 488 15.32 1.05 -7.04
CA ILE A 488 16.11 2.24 -7.47
C ILE A 488 17.58 1.84 -7.59
N LYS A 489 18.19 2.17 -8.58
CA LYS A 489 19.62 1.83 -8.77
C LYS A 489 20.48 3.02 -8.35
N PRO A 490 21.59 2.89 -7.69
CA PRO A 490 22.42 3.99 -7.19
C PRO A 490 23.08 4.81 -8.34
N LYS A 491 22.93 6.12 -8.29
CA LYS A 491 23.54 7.03 -9.29
C LYS A 491 23.70 8.41 -8.63
N ALA A 492 24.96 8.80 -8.32
CA ALA A 492 25.33 10.02 -7.56
C ALA A 492 24.85 11.31 -8.26
PA FAD B . 5.92 -6.73 2.84
O1A FAD B . 5.74 -7.71 1.76
O2A FAD B . 6.44 -7.15 4.15
O5B FAD B . 6.82 -5.51 2.34
C5B FAD B . 6.43 -4.68 1.24
C4B FAD B . 7.66 -3.96 0.70
O4B FAD B . 8.18 -3.07 1.72
C3B FAD B . 8.87 -4.83 0.30
O3B FAD B . 9.65 -4.17 -0.71
C2B FAD B . 9.65 -4.90 1.60
O2B FAD B . 11.03 -5.27 1.43
C1B FAD B . 9.47 -3.51 2.12
N9A FAD B . 9.59 -3.38 3.56
C8A FAD B . 8.70 -3.88 4.48
N7A FAD B . 9.07 -3.61 5.73
C5A FAD B . 10.25 -2.89 5.60
C6A FAD B . 11.12 -2.32 6.55
N6A FAD B . 10.88 -2.39 7.86
N1A FAD B . 12.25 -1.70 6.10
C2A FAD B . 12.46 -1.69 4.77
N3A FAD B . 11.70 -2.16 3.79
C4A FAD B . 10.59 -2.77 4.26
N1 FAD B . -2.68 -0.72 0.38
C2 FAD B . -3.26 0.47 0.60
O2 FAD B . -2.61 1.56 0.36
N3 FAD B . -4.52 0.53 1.11
C4 FAD B . -5.28 -0.59 1.42
O4 FAD B . -6.41 -0.47 1.90
C4X FAD B . -4.69 -1.87 1.22
N5 FAD B . -5.36 -2.96 1.56
C5X FAD B . -4.71 -4.16 1.48
C6 FAD B . -5.37 -5.35 1.91
C7 FAD B . -4.76 -6.59 1.82
C7M FAD B . -5.48 -7.84 2.25
C8 FAD B . -3.39 -6.67 1.33
C8M FAD B . -2.60 -7.97 1.31
C9 FAD B . -2.76 -5.50 0.87
C9A FAD B . -3.40 -4.25 0.93
N10 FAD B . -2.74 -3.09 0.51
C10 FAD B . -3.35 -1.83 0.67
C1' FAD B . -1.41 -3.12 -0.09
C2' FAD B . -0.32 -2.91 0.97
O2' FAD B . -0.24 -1.53 1.34
C3' FAD B . 0.98 -3.37 0.38
O3' FAD B . 0.81 -4.78 0.08
C4' FAD B . 2.13 -3.14 1.38
O4' FAD B . 3.39 -2.96 0.71
C5' FAD B . 2.19 -4.30 2.33
O5' FAD B . 3.12 -4.03 3.41
P FAD B . 3.67 -5.28 4.21
O1P FAD B . 4.58 -4.79 5.27
O2P FAD B . 2.58 -6.20 4.62
O3P FAD B . 4.45 -6.07 3.03
H51A FAD B . 5.75 -4.02 1.53
H52A FAD B . 6.04 -5.24 0.52
H4B FAD B . 7.38 -3.43 -0.07
H3B FAD B . 8.57 -5.73 0.02
HO3A FAD B . 10.31 -4.66 -0.91
H2B FAD B . 9.25 -5.57 2.21
HO2A FAD B . 11.40 -5.29 2.20
H1B FAD B . 10.14 -2.92 1.70
H8A FAD B . 7.93 -4.37 4.27
H61A FAD B . 11.43 -2.02 8.43
H62A FAD B . 10.14 -2.79 8.15
H2A FAD B . 13.26 -1.25 4.50
HN3 FAD B . -4.86 1.34 1.23
H6 FAD B . -5.67 -4.92 1.12
HM71 FAD B . -4.89 -8.61 2.14
HM72 FAD B . -6.28 -7.97 1.71
HM73 FAD B . -5.75 -7.76 3.18
HM81 FAD B . -1.71 -7.80 0.96
HM82 FAD B . -2.53 -8.32 2.22
HM83 FAD B . -3.05 -8.62 0.75
H9 FAD B . -1.87 -5.55 0.54
H1'1 FAD B . -1.33 -2.41 -0.76
H1'2 FAD B . -1.26 -3.99 -0.51
H2' FAD B . -0.52 -3.45 1.78
HO2' FAD B . 0.54 -1.24 1.15
H3' FAD B . 1.19 -2.87 -0.45
HO3' FAD B . 1.38 -5.21 0.52
H4' FAD B . 1.96 -2.30 1.91
HO4' FAD B . 3.95 -3.54 0.97
H5'1 FAD B . 2.50 -5.10 1.84
H5'2 FAD B . 1.30 -4.47 2.71
#